data_9JWS
#
_entry.id   9JWS
#
_cell.length_a   61.460
_cell.length_b   62.470
_cell.length_c   122.350
_cell.angle_alpha   90.00
_cell.angle_beta   90.00
_cell.angle_gamma   90.00
#
_symmetry.space_group_name_H-M   'P 21 21 21'
#
loop_
_entity.id
_entity.type
_entity.pdbx_description
1 polymer 'Bacteriorhodopsin-II-like protein'
2 non-polymer RETINAL
3 non-polymer 'MAGNESIUM ION'
4 water water
#
_entity_poly.entity_id   1
_entity_poly.type   'polypeptide(L)'
_entity_poly.pdbx_seq_one_letter_code
;MATPGSEATWLWIGTIGMVLGTVYFAVRGRGSTDPEQQTYYIITTLIPAIAAAAYLAMATGLGVISMPIRGTEVIDIYWA
RYADWLLTTPLLIIDLALVAGARKQTLYKLIIIDAIMILGGLAGSMMQQGAVIRIVWWAVSTAAFIILLYYLLGELSERA
RSRSAETGIVFNRLRNITLGLWALYPIVWILGTGGGFGIIAVTTEIMLYVMLDIGTKIGFGAVLLESQDVLQAASHPSST
NDIKSHHHHHHH
;
_entity_poly.pdbx_strand_id   A,B
#
# COMPACT_ATOMS: atom_id res chain seq x y z
N SER A 6 -20.26 -19.09 -12.06
CA SER A 6 -19.60 -20.31 -11.60
C SER A 6 -18.20 -20.00 -11.09
N GLU A 7 -17.90 -18.72 -10.92
CA GLU A 7 -16.57 -18.29 -10.48
C GLU A 7 -16.46 -18.11 -8.98
N ALA A 8 -17.58 -18.07 -8.26
CA ALA A 8 -17.53 -17.92 -6.80
C ALA A 8 -16.78 -19.08 -6.15
N THR A 9 -16.91 -20.28 -6.70
CA THR A 9 -16.18 -21.43 -6.16
C THR A 9 -14.68 -21.22 -6.25
N TRP A 10 -14.20 -20.76 -7.41
CA TRP A 10 -12.76 -20.56 -7.59
C TRP A 10 -12.26 -19.35 -6.81
N LEU A 11 -13.09 -18.32 -6.67
CA LEU A 11 -12.71 -17.18 -5.83
C LEU A 11 -12.58 -17.60 -4.36
N TRP A 12 -13.48 -18.47 -3.88
CA TRP A 12 -13.37 -18.93 -2.50
C TRP A 12 -12.21 -19.90 -2.33
N ILE A 13 -11.89 -20.69 -3.37
CA ILE A 13 -10.71 -21.55 -3.32
C ILE A 13 -9.45 -20.69 -3.19
N GLY A 14 -9.33 -19.65 -4.01
CA GLY A 14 -8.21 -18.73 -3.88
C GLY A 14 -8.16 -18.07 -2.51
N THR A 15 -9.32 -17.67 -2.00
CA THR A 15 -9.39 -17.05 -0.68
C THR A 15 -8.82 -17.97 0.39
N ILE A 16 -9.34 -19.20 0.46
CA ILE A 16 -8.91 -20.14 1.50
C ILE A 16 -7.43 -20.49 1.33
N GLY A 17 -6.98 -20.67 0.07
CA GLY A 17 -5.57 -20.98 -0.14
C GLY A 17 -4.65 -19.87 0.35
N MET A 18 -4.98 -18.63 0.01
CA MET A 18 -4.19 -17.50 0.48
C MET A 18 -4.22 -17.40 2.00
N VAL A 19 -5.39 -17.67 2.61
CA VAL A 19 -5.50 -17.60 4.05
C VAL A 19 -4.59 -18.64 4.71
N LEU A 20 -4.61 -19.87 4.20
CA LEU A 20 -3.75 -20.92 4.75
C LEU A 20 -2.28 -20.56 4.59
N GLY A 21 -1.90 -20.06 3.40
CA GLY A 21 -0.52 -19.63 3.21
C GLY A 21 -0.11 -18.55 4.20
N THR A 22 -0.98 -17.56 4.41
CA THR A 22 -0.66 -16.47 5.32
C THR A 22 -0.52 -16.96 6.76
N VAL A 23 -1.45 -17.79 7.20
CA VAL A 23 -1.40 -18.30 8.57
C VAL A 23 -0.13 -19.13 8.77
N TYR A 24 0.23 -19.94 7.77
CA TYR A 24 1.43 -20.75 7.88
C TYR A 24 2.68 -19.87 7.96
N PHE A 25 2.76 -18.85 7.10
CA PHE A 25 3.91 -17.95 7.13
C PHE A 25 3.99 -17.20 8.46
N ALA A 26 2.84 -16.79 9.00
CA ALA A 26 2.82 -16.07 10.26
C ALA A 26 3.28 -16.95 11.42
N VAL A 27 2.81 -18.20 11.44
CA VAL A 27 3.24 -19.13 12.50
C VAL A 27 4.74 -19.41 12.36
N ARG A 28 5.23 -19.48 11.13
CA ARG A 28 6.67 -19.62 10.93
C ARG A 28 7.45 -18.38 11.35
N GLY A 29 6.80 -17.21 11.36
CA GLY A 29 7.53 -15.98 11.59
C GLY A 29 8.03 -15.80 13.00
N ARG A 30 7.27 -16.30 13.99
CA ARG A 30 7.60 -16.02 15.39
C ARG A 30 8.99 -16.57 15.75
N GLY A 31 9.63 -15.90 16.70
CA GLY A 31 10.96 -16.30 17.14
C GLY A 31 12.10 -15.79 16.29
N SER A 32 11.84 -14.85 15.38
CA SER A 32 12.90 -14.35 14.50
C SER A 32 13.81 -13.40 15.26
N THR A 33 15.12 -13.50 14.98
CA THR A 33 16.13 -12.75 15.71
C THR A 33 16.77 -11.65 14.85
N ASP A 34 17.43 -12.02 13.75
CA ASP A 34 18.10 -11.03 12.93
C ASP A 34 17.08 -10.16 12.20
N PRO A 35 17.31 -8.85 12.14
CA PRO A 35 16.31 -7.96 11.50
C PRO A 35 16.11 -8.24 10.03
N GLU A 36 17.12 -8.78 9.33
CA GLU A 36 16.93 -9.15 7.93
C GLU A 36 15.90 -10.28 7.80
N GLN A 37 16.02 -11.30 8.65
CA GLN A 37 14.98 -12.31 8.70
C GLN A 37 13.63 -11.69 8.99
N GLN A 38 13.60 -10.68 9.87
CA GLN A 38 12.33 -10.05 10.18
C GLN A 38 11.74 -9.37 8.95
N THR A 39 12.57 -8.69 8.16
CA THR A 39 12.09 -8.11 6.90
C THR A 39 11.53 -9.18 5.99
N TYR A 40 12.27 -10.28 5.83
CA TYR A 40 11.80 -11.39 5.00
C TYR A 40 10.44 -11.88 5.45
N TYR A 41 10.28 -12.09 6.76
CA TYR A 41 9.03 -12.63 7.28
C TYR A 41 7.88 -11.64 7.10
N ILE A 42 8.10 -10.36 7.40
CA ILE A 42 7.05 -9.37 7.23
C ILE A 42 6.57 -9.32 5.79
N ILE A 43 7.51 -9.25 4.84
CA ILE A 43 7.13 -9.13 3.43
C ILE A 43 6.44 -10.41 2.95
N THR A 44 7.04 -11.56 3.23
CA THR A 44 6.56 -12.84 2.75
C THR A 44 5.20 -13.21 3.35
N THR A 45 4.87 -12.68 4.54
CA THR A 45 3.55 -12.87 5.09
C THR A 45 2.56 -11.81 4.62
N LEU A 46 3.04 -10.61 4.33
CA LEU A 46 2.15 -9.54 3.87
C LEU A 46 1.62 -9.81 2.46
N ILE A 47 2.41 -10.47 1.61
CA ILE A 47 1.97 -10.72 0.23
C ILE A 47 0.70 -11.57 0.21
N PRO A 48 0.69 -12.78 0.78
CA PRO A 48 -0.54 -13.60 0.72
C PRO A 48 -1.69 -13.01 1.52
N ALA A 49 -1.41 -12.19 2.54
CA ALA A 49 -2.51 -11.55 3.28
C ALA A 49 -3.25 -10.56 2.40
N ILE A 50 -2.51 -9.74 1.65
CA ILE A 50 -3.14 -8.83 0.70
C ILE A 50 -3.90 -9.62 -0.35
N ALA A 51 -3.31 -10.72 -0.84
CA ALA A 51 -4.01 -11.55 -1.81
C ALA A 51 -5.33 -12.08 -1.24
N ALA A 52 -5.30 -12.56 0.01
CA ALA A 52 -6.50 -13.09 0.64
C ALA A 52 -7.57 -12.02 0.80
N ALA A 53 -7.16 -10.82 1.20
CA ALA A 53 -8.12 -9.71 1.32
C ALA A 53 -8.78 -9.42 -0.02
N ALA A 54 -7.98 -9.34 -1.10
CA ALA A 54 -8.55 -9.06 -2.41
C ALA A 54 -9.49 -10.18 -2.86
N TYR A 55 -9.11 -11.44 -2.61
CA TYR A 55 -9.96 -12.55 -3.03
C TYR A 55 -11.27 -12.59 -2.25
N LEU A 56 -11.21 -12.32 -0.94
CA LEU A 56 -12.44 -12.24 -0.17
C LEU A 56 -13.33 -11.10 -0.66
N ALA A 57 -12.72 -9.96 -1.01
CA ALA A 57 -13.49 -8.86 -1.58
C ALA A 57 -14.20 -9.30 -2.86
N MET A 58 -13.47 -9.94 -3.76
CA MET A 58 -14.08 -10.39 -5.02
C MET A 58 -15.20 -11.41 -4.78
N ALA A 59 -15.02 -12.30 -3.81
CA ALA A 59 -15.98 -13.39 -3.61
C ALA A 59 -17.30 -12.91 -3.01
N THR A 60 -17.33 -11.76 -2.33
CA THR A 60 -18.50 -11.33 -1.57
C THR A 60 -19.24 -10.17 -2.23
N GLY A 61 -19.25 -10.12 -3.56
CA GLY A 61 -19.98 -9.09 -4.27
C GLY A 61 -19.27 -7.77 -4.43
N LEU A 62 -18.16 -7.56 -3.72
CA LEU A 62 -17.31 -6.41 -3.94
C LEU A 62 -16.19 -6.82 -4.90
N GLY A 63 -15.21 -5.95 -5.10
CA GLY A 63 -14.06 -6.32 -5.90
C GLY A 63 -14.26 -6.16 -7.40
N VAL A 64 -15.50 -6.24 -7.86
CA VAL A 64 -15.84 -6.11 -9.28
C VAL A 64 -16.84 -4.98 -9.43
N ILE A 65 -16.61 -4.10 -10.41
CA ILE A 65 -17.50 -2.98 -10.70
C ILE A 65 -17.99 -3.12 -12.13
N SER A 66 -19.29 -2.92 -12.33
CA SER A 66 -19.88 -2.97 -13.67
C SER A 66 -19.40 -1.79 -14.49
N ASP A 76 -17.97 -4.93 -15.62
CA ASP A 76 -17.18 -4.33 -16.68
C ASP A 76 -15.72 -4.20 -16.27
N ILE A 77 -15.47 -4.07 -14.97
CA ILE A 77 -14.12 -3.85 -14.46
C ILE A 77 -13.90 -4.71 -13.22
N TYR A 78 -12.65 -5.11 -13.01
CA TYR A 78 -12.21 -5.86 -11.84
C TYR A 78 -11.13 -5.03 -11.17
N TRP A 79 -11.45 -4.41 -10.04
CA TRP A 79 -10.47 -3.53 -9.41
C TRP A 79 -9.63 -4.24 -8.35
N ALA A 80 -10.15 -5.30 -7.74
CA ALA A 80 -9.44 -5.95 -6.64
C ALA A 80 -8.20 -6.69 -7.14
N ARG A 81 -8.28 -7.33 -8.30
CA ARG A 81 -7.13 -8.06 -8.83
C ARG A 81 -5.97 -7.12 -9.14
N TYR A 82 -6.27 -6.01 -9.82
CA TYR A 82 -5.19 -5.10 -10.21
C TYR A 82 -4.64 -4.36 -8.99
N ALA A 83 -5.48 -4.02 -8.01
CA ALA A 83 -4.98 -3.46 -6.76
C ALA A 83 -4.04 -4.44 -6.08
N ASP A 84 -4.44 -5.70 -5.95
CA ASP A 84 -3.57 -6.74 -5.35
C ASP A 84 -2.24 -6.82 -6.10
N TRP A 85 -2.30 -6.76 -7.44
CA TRP A 85 -1.05 -6.88 -8.19
C TRP A 85 -0.14 -5.67 -7.96
N LEU A 86 -0.69 -4.46 -8.10
CA LEU A 86 0.07 -3.24 -7.82
C LEU A 86 0.69 -3.27 -6.44
N LEU A 87 0.02 -3.89 -5.48
CA LEU A 87 0.57 -3.93 -4.14
C LEU A 87 1.65 -5.01 -4.01
N THR A 88 1.36 -6.23 -4.45
CA THR A 88 2.19 -7.37 -4.08
C THR A 88 3.41 -7.60 -4.98
N THR A 89 3.35 -7.24 -6.28
CA THR A 89 4.52 -7.50 -7.12
C THR A 89 5.76 -6.74 -6.67
N PRO A 90 5.69 -5.48 -6.24
CA PRO A 90 6.89 -4.84 -5.68
C PRO A 90 7.44 -5.55 -4.45
N LEU A 91 6.60 -6.17 -3.62
CA LEU A 91 7.12 -6.88 -2.46
C LEU A 91 7.95 -8.09 -2.88
N LEU A 92 7.48 -8.84 -3.87
CA LEU A 92 8.27 -9.95 -4.40
C LEU A 92 9.58 -9.45 -5.01
N ILE A 93 9.52 -8.34 -5.74
CA ILE A 93 10.76 -7.77 -6.29
C ILE A 93 11.71 -7.40 -5.17
N ILE A 94 11.20 -6.81 -4.09
CA ILE A 94 12.04 -6.42 -2.97
C ILE A 94 12.69 -7.64 -2.34
N ASP A 95 11.91 -8.72 -2.15
CA ASP A 95 12.46 -9.95 -1.61
C ASP A 95 13.61 -10.46 -2.47
N LEU A 96 13.40 -10.50 -3.79
CA LEU A 96 14.44 -10.99 -4.69
C LEU A 96 15.69 -10.12 -4.61
N ALA A 97 15.52 -8.79 -4.61
CA ALA A 97 16.67 -7.90 -4.56
C ALA A 97 17.42 -8.04 -3.24
N LEU A 98 16.69 -8.16 -2.12
CA LEU A 98 17.34 -8.39 -0.83
C LEU A 98 18.14 -9.68 -0.85
N VAL A 99 17.57 -10.75 -1.41
CA VAL A 99 18.32 -12.01 -1.51
C VAL A 99 19.58 -11.82 -2.34
N ALA A 100 19.48 -11.05 -3.43
CA ALA A 100 20.62 -10.84 -4.31
C ALA A 100 21.51 -9.69 -3.88
N GLY A 101 21.04 -8.82 -2.98
CA GLY A 101 21.82 -7.66 -2.57
C GLY A 101 22.02 -6.61 -3.63
N ALA A 102 20.98 -6.32 -4.42
CA ALA A 102 21.09 -5.30 -5.45
C ALA A 102 21.07 -3.90 -4.84
N ARG A 103 21.64 -2.95 -5.59
CA ARG A 103 21.66 -1.56 -5.16
C ARG A 103 20.25 -0.96 -5.21
N LYS A 104 20.04 0.07 -4.39
CA LYS A 104 18.71 0.66 -4.26
C LYS A 104 18.20 1.26 -5.56
N GLN A 105 19.10 1.79 -6.39
CA GLN A 105 18.68 2.36 -7.67
C GLN A 105 18.08 1.30 -8.58
N THR A 106 18.73 0.12 -8.66
CA THR A 106 18.18 -0.97 -9.46
C THR A 106 16.80 -1.36 -8.96
N LEU A 107 16.61 -1.37 -7.64
CA LEU A 107 15.30 -1.71 -7.08
C LEU A 107 14.24 -0.68 -7.46
N TYR A 108 14.59 0.61 -7.40
CA TYR A 108 13.65 1.64 -7.83
C TYR A 108 13.28 1.45 -9.29
N LYS A 109 14.25 1.17 -10.14
CA LYS A 109 13.98 0.85 -11.54
C LYS A 109 13.00 -0.30 -11.67
N LEU A 110 13.27 -1.40 -10.97
CA LEU A 110 12.42 -2.59 -11.09
C LEU A 110 10.99 -2.28 -10.65
N ILE A 111 10.84 -1.55 -9.55
CA ILE A 111 9.51 -1.23 -9.05
C ILE A 111 8.75 -0.36 -10.04
N ILE A 112 9.43 0.63 -10.63
CA ILE A 112 8.77 1.49 -11.61
C ILE A 112 8.36 0.70 -12.85
N ILE A 113 9.25 -0.16 -13.34
CA ILE A 113 8.94 -0.95 -14.53
C ILE A 113 7.75 -1.87 -14.28
N ASP A 114 7.73 -2.53 -13.11
CA ASP A 114 6.62 -3.43 -12.79
C ASP A 114 5.31 -2.66 -12.63
N ALA A 115 5.37 -1.48 -12.01
CA ALA A 115 4.18 -0.64 -11.89
C ALA A 115 3.67 -0.23 -13.26
N ILE A 116 4.58 0.09 -14.19
CA ILE A 116 4.16 0.44 -15.55
C ILE A 116 3.50 -0.76 -16.22
N MET A 117 4.05 -1.96 -16.01
CA MET A 117 3.46 -3.16 -16.58
C MET A 117 2.04 -3.37 -16.09
N ILE A 118 1.84 -3.33 -14.78
CA ILE A 118 0.51 -3.56 -14.24
C ILE A 118 -0.47 -2.46 -14.66
N LEU A 119 0.01 -1.22 -14.68
CA LEU A 119 -0.86 -0.12 -15.09
C LEU A 119 -1.26 -0.23 -16.55
N GLY A 120 -0.34 -0.69 -17.41
CA GLY A 120 -0.71 -0.96 -18.79
C GLY A 120 -1.74 -2.08 -18.89
N GLY A 121 -1.58 -3.11 -18.08
CA GLY A 121 -2.61 -4.16 -18.04
C GLY A 121 -3.97 -3.62 -17.64
N LEU A 122 -4.00 -2.75 -16.63
CA LEU A 122 -5.27 -2.15 -16.20
C LEU A 122 -5.83 -1.24 -17.28
N ALA A 123 -5.01 -0.55 -18.04
CA ALA A 123 -5.51 0.28 -19.16
C ALA A 123 -6.26 -0.57 -20.18
N GLY A 124 -5.76 -1.78 -20.47
CA GLY A 124 -6.45 -2.68 -21.40
C GLY A 124 -7.77 -3.22 -20.86
N SER A 125 -7.84 -3.54 -19.57
CA SER A 125 -9.09 -4.02 -18.92
C SER A 125 -10.14 -2.91 -18.98
N MET A 126 -9.71 -1.65 -19.01
CA MET A 126 -10.65 -0.49 -19.00
C MET A 126 -10.78 0.06 -20.43
N MET A 127 -9.74 -0.10 -21.24
CA MET A 127 -9.87 0.32 -22.66
C MET A 127 -10.47 -0.87 -23.43
N GLN A 128 -11.73 -0.75 -23.81
CA GLN A 128 -12.43 -1.84 -24.53
C GLN A 128 -13.24 -1.22 -25.67
N GLN A 129 -12.70 -0.19 -26.34
CA GLN A 129 -13.48 0.54 -27.38
C GLN A 129 -13.34 -0.16 -28.72
N GLY A 130 -12.13 -0.55 -29.09
CA GLY A 130 -11.88 -1.24 -30.35
C GLY A 130 -11.20 -2.55 -30.13
N ALA A 131 -10.24 -2.87 -31.01
CA ALA A 131 -9.50 -4.12 -30.93
C ALA A 131 -8.00 -3.92 -30.87
N VAL A 132 -7.45 -3.00 -31.65
CA VAL A 132 -6.00 -2.80 -31.68
C VAL A 132 -5.50 -2.10 -30.42
N ILE A 133 -6.36 -1.35 -29.73
CA ILE A 133 -5.89 -0.55 -28.56
C ILE A 133 -5.50 -1.46 -27.38
N ARG A 134 -6.26 -2.52 -27.11
CA ARG A 134 -5.87 -3.48 -26.04
C ARG A 134 -4.59 -4.22 -26.47
N ILE A 135 -4.45 -4.56 -27.75
CA ILE A 135 -3.25 -5.23 -28.21
C ILE A 135 -2.02 -4.33 -28.05
N VAL A 136 -2.20 -3.03 -28.27
CA VAL A 136 -1.08 -2.10 -28.08
C VAL A 136 -0.72 -2.00 -26.60
N TRP A 137 -1.72 -1.88 -25.75
CA TRP A 137 -1.47 -1.85 -24.28
C TRP A 137 -0.80 -3.16 -23.84
N TRP A 138 -1.23 -4.31 -24.36
CA TRP A 138 -0.62 -5.58 -24.01
C TRP A 138 0.82 -5.64 -24.52
N ALA A 139 1.08 -5.12 -25.71
CA ALA A 139 2.43 -5.12 -26.26
C ALA A 139 3.38 -4.28 -25.41
N VAL A 140 2.94 -3.08 -25.01
CA VAL A 140 3.84 -2.22 -24.23
C VAL A 140 4.05 -2.79 -22.82
N SER A 141 3.00 -3.34 -22.22
CA SER A 141 3.17 -3.96 -20.90
C SER A 141 4.06 -5.19 -20.98
N THR A 142 3.96 -5.97 -22.07
CA THR A 142 4.86 -7.10 -22.26
C THR A 142 6.28 -6.64 -22.53
N ALA A 143 6.45 -5.47 -23.15
CA ALA A 143 7.79 -4.90 -23.31
C ALA A 143 8.40 -4.57 -21.96
N ALA A 144 7.62 -3.95 -21.07
CA ALA A 144 8.09 -3.72 -19.71
C ALA A 144 8.42 -5.04 -19.02
N PHE A 145 7.59 -6.07 -19.25
CA PHE A 145 7.87 -7.38 -18.68
C PHE A 145 9.20 -7.95 -19.19
N ILE A 146 9.46 -7.82 -20.48
CA ILE A 146 10.72 -8.29 -21.05
C ILE A 146 11.89 -7.52 -20.46
N ILE A 147 11.70 -6.23 -20.21
CA ILE A 147 12.76 -5.44 -19.57
C ILE A 147 13.05 -5.97 -18.17
N LEU A 148 12.00 -6.28 -17.41
CA LEU A 148 12.20 -6.86 -16.08
C LEU A 148 12.88 -8.23 -16.17
N LEU A 149 12.50 -9.03 -17.16
CA LEU A 149 13.14 -10.33 -17.38
C LEU A 149 14.64 -10.15 -17.64
N TYR A 150 14.99 -9.24 -18.54
CA TYR A 150 16.39 -8.93 -18.81
C TYR A 150 17.10 -8.46 -17.55
N TYR A 151 16.42 -7.68 -16.72
CA TYR A 151 17.03 -7.18 -15.50
C TYR A 151 17.35 -8.32 -14.53
N LEU A 152 16.40 -9.23 -14.33
CA LEU A 152 16.60 -10.27 -13.33
C LEU A 152 17.67 -11.27 -13.74
N LEU A 153 17.83 -11.52 -15.04
CA LEU A 153 18.81 -12.49 -15.51
C LEU A 153 20.24 -11.96 -15.51
N GLY A 154 20.42 -10.65 -15.54
CA GLY A 154 21.71 -10.02 -15.76
C GLY A 154 22.31 -9.54 -14.46
N GLU A 155 22.02 -8.29 -14.08
CA GLU A 155 22.77 -7.65 -13.00
C GLU A 155 22.51 -8.32 -11.66
N LEU A 156 21.25 -8.70 -11.39
CA LEU A 156 20.93 -9.29 -10.09
C LEU A 156 21.63 -10.63 -9.90
N SER A 157 21.70 -11.44 -10.96
CA SER A 157 22.37 -12.73 -10.84
C SER A 157 23.86 -12.57 -10.57
N GLU A 158 24.52 -11.65 -11.27
CA GLU A 158 25.93 -11.40 -11.02
C GLU A 158 26.16 -10.85 -9.61
N ARG A 159 25.24 -10.00 -9.13
CA ARG A 159 25.36 -9.48 -7.77
C ARG A 159 25.24 -10.60 -6.74
N ALA A 160 24.23 -11.47 -6.90
CA ALA A 160 24.04 -12.56 -5.96
C ALA A 160 25.22 -13.53 -5.99
N ARG A 161 25.77 -13.78 -7.17
CA ARG A 161 26.98 -14.60 -7.24
C ARG A 161 28.15 -13.90 -6.56
N SER A 162 28.20 -12.57 -6.63
CA SER A 162 29.24 -11.82 -5.94
C SER A 162 29.09 -11.87 -4.43
N ARG A 163 27.91 -12.14 -3.89
CA ARG A 163 27.83 -12.31 -2.41
C ARG A 163 28.53 -13.64 -2.07
N SER A 164 28.08 -14.74 -2.69
CA SER A 164 28.68 -16.08 -2.50
C SER A 164 28.03 -17.02 -3.53
N ALA A 165 28.46 -18.27 -3.60
CA ALA A 165 27.90 -19.23 -4.55
C ALA A 165 26.58 -19.81 -4.06
N GLU A 166 26.46 -20.09 -2.76
CA GLU A 166 25.19 -20.54 -2.21
C GLU A 166 24.10 -19.50 -2.44
N THR A 167 24.40 -18.23 -2.17
CA THR A 167 23.48 -17.16 -2.49
C THR A 167 23.10 -17.16 -3.96
N GLY A 168 24.07 -17.42 -4.84
CA GLY A 168 23.79 -17.48 -6.26
C GLY A 168 22.80 -18.58 -6.61
N ILE A 169 22.99 -19.77 -6.05
CA ILE A 169 22.11 -20.89 -6.36
C ILE A 169 20.70 -20.64 -5.82
N VAL A 170 20.61 -20.13 -4.59
CA VAL A 170 19.30 -19.83 -4.00
C VAL A 170 18.58 -18.77 -4.83
N PHE A 171 19.30 -17.71 -5.20
CA PHE A 171 18.70 -16.66 -6.01
C PHE A 171 18.27 -17.19 -7.37
N ASN A 172 19.05 -18.12 -7.92
CA ASN A 172 18.68 -18.70 -9.22
C ASN A 172 17.39 -19.51 -9.10
N ARG A 173 17.23 -20.27 -8.02
CA ARG A 173 15.99 -21.02 -7.84
C ARG A 173 14.79 -20.07 -7.70
N LEU A 174 14.94 -19.05 -6.85
CA LEU A 174 13.86 -18.09 -6.66
C LEU A 174 13.54 -17.36 -7.95
N ARG A 175 14.57 -17.03 -8.73
CA ARG A 175 14.39 -16.30 -9.98
C ARG A 175 13.71 -17.18 -11.03
N ASN A 176 14.10 -18.45 -11.10
CA ASN A 176 13.44 -19.36 -12.03
C ASN A 176 11.96 -19.50 -11.70
N ILE A 177 11.65 -19.71 -10.43
CA ILE A 177 10.25 -19.81 -10.03
C ILE A 177 9.50 -18.54 -10.42
N THR A 178 10.02 -17.38 -10.01
CA THR A 178 9.38 -16.10 -10.30
C THR A 178 9.13 -15.91 -11.79
N LEU A 179 10.19 -15.97 -12.59
CA LEU A 179 10.07 -15.68 -14.02
C LEU A 179 9.15 -16.68 -14.72
N GLY A 180 9.35 -17.98 -14.46
CA GLY A 180 8.52 -18.98 -15.10
C GLY A 180 7.05 -18.82 -14.77
N LEU A 181 6.74 -18.44 -13.53
CA LEU A 181 5.33 -18.26 -13.18
C LEU A 181 4.77 -16.93 -13.68
N TRP A 182 5.60 -15.88 -13.74
CA TRP A 182 5.12 -14.58 -14.17
C TRP A 182 4.85 -14.55 -15.66
N ALA A 183 5.59 -15.34 -16.44
CA ALA A 183 5.44 -15.29 -17.90
C ALA A 183 4.07 -15.72 -18.39
N LEU A 184 3.22 -16.32 -17.54
CA LEU A 184 1.94 -16.85 -18.00
C LEU A 184 0.79 -15.87 -17.84
N TYR A 185 0.90 -14.89 -16.94
CA TYR A 185 -0.17 -13.90 -16.76
C TYR A 185 -0.57 -13.18 -18.04
N PRO A 186 0.35 -12.69 -18.88
CA PRO A 186 -0.10 -11.98 -20.09
C PRO A 186 -0.83 -12.88 -21.08
N ILE A 187 -0.51 -14.17 -21.12
CA ILE A 187 -1.24 -15.07 -22.01
C ILE A 187 -2.68 -15.24 -21.53
N VAL A 188 -2.87 -15.47 -20.23
CA VAL A 188 -4.21 -15.50 -19.65
C VAL A 188 -4.95 -14.22 -19.95
N TRP A 189 -4.26 -13.08 -19.84
CA TRP A 189 -4.91 -11.80 -20.07
C TRP A 189 -5.36 -11.66 -21.53
N ILE A 190 -4.48 -11.99 -22.47
CA ILE A 190 -4.80 -11.79 -23.88
C ILE A 190 -5.83 -12.81 -24.37
N LEU A 191 -5.90 -13.98 -23.74
CA LEU A 191 -6.88 -14.98 -24.14
C LEU A 191 -8.23 -14.82 -23.44
N GLY A 192 -8.27 -14.14 -22.30
CA GLY A 192 -9.49 -14.05 -21.52
C GLY A 192 -10.52 -13.12 -22.14
N THR A 193 -11.65 -12.99 -21.44
CA THR A 193 -12.72 -12.10 -21.88
C THR A 193 -12.43 -10.65 -21.53
N GLY A 194 -11.96 -10.39 -20.30
CA GLY A 194 -11.61 -9.05 -19.90
C GLY A 194 -10.30 -8.62 -20.55
N GLY A 195 -10.32 -7.49 -21.26
CA GLY A 195 -9.18 -7.04 -22.01
C GLY A 195 -8.64 -8.06 -23.00
N GLY A 196 -9.52 -8.90 -23.54
CA GLY A 196 -9.10 -9.96 -24.42
C GLY A 196 -10.06 -10.25 -25.56
N PHE A 197 -9.93 -11.42 -26.17
CA PHE A 197 -10.72 -11.78 -27.34
C PHE A 197 -11.78 -12.83 -27.05
N GLY A 198 -11.96 -13.21 -25.79
CA GLY A 198 -13.01 -14.16 -25.47
C GLY A 198 -12.73 -15.58 -25.89
N ILE A 199 -11.46 -15.93 -26.15
CA ILE A 199 -11.13 -17.31 -26.49
C ILE A 199 -11.47 -18.24 -25.33
N ILE A 200 -11.18 -17.81 -24.10
CA ILE A 200 -11.56 -18.54 -22.90
C ILE A 200 -12.57 -17.71 -22.11
N ALA A 201 -13.40 -18.41 -21.33
CA ALA A 201 -14.45 -17.76 -20.57
C ALA A 201 -13.88 -17.12 -19.30
N VAL A 202 -14.76 -16.47 -18.54
CA VAL A 202 -14.34 -15.75 -17.34
C VAL A 202 -13.90 -16.72 -16.25
N THR A 203 -14.60 -17.85 -16.12
CA THR A 203 -14.34 -18.78 -15.03
C THR A 203 -12.99 -19.47 -15.20
N THR A 204 -12.64 -19.84 -16.44
CA THR A 204 -11.33 -20.42 -16.70
C THR A 204 -10.22 -19.40 -16.42
N GLU A 205 -10.46 -18.14 -16.80
CA GLU A 205 -9.52 -17.06 -16.50
C GLU A 205 -9.27 -16.96 -14.99
N ILE A 206 -10.35 -16.95 -14.21
CA ILE A 206 -10.21 -16.81 -12.77
C ILE A 206 -9.52 -18.03 -12.16
N MET A 207 -9.85 -19.22 -12.65
CA MET A 207 -9.17 -20.42 -12.14
C MET A 207 -7.67 -20.37 -12.40
N LEU A 208 -7.28 -20.01 -13.62
CA LEU A 208 -5.85 -19.96 -13.94
C LEU A 208 -5.14 -18.89 -13.12
N TYR A 209 -5.82 -17.75 -12.89
CA TYR A 209 -5.24 -16.74 -12.01
C TYR A 209 -5.07 -17.27 -10.58
N VAL A 210 -6.03 -18.08 -10.12
CA VAL A 210 -5.94 -18.66 -8.78
C VAL A 210 -4.73 -19.58 -8.67
N MET A 211 -4.53 -20.45 -9.67
CA MET A 211 -3.39 -21.36 -9.64
C MET A 211 -2.07 -20.58 -9.71
N LEU A 212 -1.99 -19.62 -10.62
CA LEU A 212 -0.76 -18.82 -10.76
C LEU A 212 -0.45 -18.12 -9.43
N ASP A 213 -1.47 -17.59 -8.74
CA ASP A 213 -1.28 -16.83 -7.48
C ASP A 213 -0.82 -17.79 -6.37
N ILE A 214 -1.45 -18.95 -6.27
CA ILE A 214 -0.97 -19.99 -5.36
C ILE A 214 0.53 -20.18 -5.55
N GLY A 215 0.95 -20.45 -6.79
CA GLY A 215 2.36 -20.60 -7.08
C GLY A 215 3.18 -19.40 -6.63
N THR A 216 3.00 -18.27 -7.31
CA THR A 216 3.88 -17.11 -7.17
C THR A 216 3.96 -16.61 -5.73
N LYS A 217 2.94 -16.85 -4.92
CA LYS A 217 2.93 -16.28 -3.55
C LYS A 217 3.33 -17.33 -2.51
N ILE A 218 2.76 -18.53 -2.50
CA ILE A 218 3.05 -19.47 -1.44
C ILE A 218 4.31 -20.29 -1.75
N GLY A 219 4.45 -20.80 -2.98
CA GLY A 219 5.61 -21.64 -3.26
C GLY A 219 6.91 -20.85 -3.18
N PHE A 220 6.92 -19.66 -3.77
CA PHE A 220 8.09 -18.79 -3.69
C PHE A 220 8.43 -18.46 -2.25
N GLY A 221 7.43 -18.10 -1.44
CA GLY A 221 7.70 -17.77 -0.05
C GLY A 221 8.26 -18.94 0.73
N ALA A 222 7.72 -20.13 0.49
CA ALA A 222 8.24 -21.33 1.14
C ALA A 222 9.70 -21.55 0.79
N VAL A 223 10.04 -21.52 -0.51
CA VAL A 223 11.43 -21.71 -0.92
C VAL A 223 12.33 -20.66 -0.29
N LEU A 224 11.88 -19.41 -0.24
CA LEU A 224 12.71 -18.34 0.32
C LEU A 224 12.96 -18.56 1.81
N LEU A 225 11.90 -18.84 2.56
CA LEU A 225 12.01 -18.96 4.00
C LEU A 225 12.72 -20.24 4.42
N GLU A 226 12.73 -21.24 3.56
CA GLU A 226 13.48 -22.46 3.83
C GLU A 226 14.98 -22.25 3.73
N SER A 227 15.44 -21.35 2.86
CA SER A 227 16.85 -21.19 2.57
C SER A 227 17.51 -20.06 3.36
N GLN A 228 16.90 -19.62 4.47
CA GLN A 228 17.45 -18.49 5.20
C GLN A 228 18.72 -18.87 5.97
N ASP A 229 18.82 -20.12 6.39
CA ASP A 229 19.98 -20.55 7.18
C ASP A 229 21.25 -20.53 6.33
N VAL A 230 21.18 -21.08 5.12
CA VAL A 230 22.34 -21.10 4.24
C VAL A 230 22.67 -19.70 3.72
N LEU A 231 21.67 -18.82 3.60
CA LEU A 231 21.94 -17.46 3.15
C LEU A 231 22.69 -16.64 4.19
N GLN A 232 22.46 -16.93 5.48
CA GLN A 232 23.19 -16.23 6.53
C GLN A 232 24.62 -16.74 6.67
N ALA A 233 24.82 -18.05 6.54
CA ALA A 233 26.13 -18.65 6.73
C ALA A 233 27.11 -18.35 5.60
N ALA A 234 26.67 -17.70 4.53
CA ALA A 234 27.56 -17.34 3.44
C ALA A 234 28.12 -15.94 3.61
N SER B 6 -15.11 23.18 -11.36
CA SER B 6 -14.28 24.25 -10.85
C SER B 6 -13.31 23.72 -9.78
N GLU B 7 -13.22 22.40 -9.69
CA GLU B 7 -12.36 21.76 -8.69
C GLU B 7 -10.98 21.41 -9.22
N ALA B 8 -10.77 21.45 -10.53
CA ALA B 8 -9.46 21.15 -11.10
C ALA B 8 -8.40 22.10 -10.57
N THR B 9 -8.76 23.37 -10.35
CA THR B 9 -7.82 24.32 -9.78
C THR B 9 -7.36 23.89 -8.40
N TRP B 10 -8.30 23.48 -7.54
CA TRP B 10 -7.95 23.06 -6.19
C TRP B 10 -7.26 21.70 -6.18
N LEU B 11 -7.63 20.81 -7.11
CA LEU B 11 -6.91 19.55 -7.23
C LEU B 11 -5.45 19.78 -7.64
N TRP B 12 -5.21 20.72 -8.54
CA TRP B 12 -3.84 21.03 -8.93
C TRP B 12 -3.09 21.76 -7.82
N ILE B 13 -3.81 22.56 -7.02
CA ILE B 13 -3.17 23.19 -5.86
C ILE B 13 -2.70 22.12 -4.88
N GLY B 14 -3.58 21.16 -4.57
CA GLY B 14 -3.17 20.06 -3.71
C GLY B 14 -2.03 19.26 -4.30
N THR B 15 -2.07 19.02 -5.62
CA THR B 15 -1.00 18.30 -6.30
C THR B 15 0.34 18.99 -6.11
N ILE B 16 0.41 20.28 -6.47
CA ILE B 16 1.67 21.01 -6.39
C ILE B 16 2.16 21.09 -4.95
N GLY B 17 1.24 21.34 -4.00
CA GLY B 17 1.65 21.41 -2.61
C GLY B 17 2.24 20.10 -2.10
N MET B 18 1.57 18.99 -2.44
CA MET B 18 2.09 17.68 -2.04
C MET B 18 3.46 17.42 -2.66
N VAL B 19 3.65 17.84 -3.91
CA VAL B 19 4.94 17.63 -4.58
C VAL B 19 6.03 18.42 -3.86
N LEU B 20 5.74 19.69 -3.53
CA LEU B 20 6.75 20.49 -2.83
C LEU B 20 7.09 19.87 -1.48
N GLY B 21 6.07 19.43 -0.73
CA GLY B 21 6.36 18.77 0.53
C GLY B 21 7.22 17.54 0.38
N THR B 22 6.92 16.71 -0.63
CA THR B 22 7.68 15.47 -0.82
C THR B 22 9.13 15.77 -1.20
N VAL B 23 9.33 16.70 -2.12
CA VAL B 23 10.70 17.05 -2.53
C VAL B 23 11.47 17.63 -1.36
N TYR B 24 10.80 18.45 -0.53
CA TYR B 24 11.44 19.04 0.63
C TYR B 24 11.88 17.97 1.61
N PHE B 25 10.99 17.02 1.92
CA PHE B 25 11.35 15.94 2.84
C PHE B 25 12.46 15.07 2.28
N ALA B 26 12.44 14.82 0.96
CA ALA B 26 13.48 14.00 0.36
C ALA B 26 14.84 14.69 0.43
N VAL B 27 14.89 15.99 0.14
CA VAL B 27 16.16 16.70 0.22
C VAL B 27 16.65 16.75 1.66
N ARG B 28 15.74 16.91 2.62
CA ARG B 28 16.15 16.86 4.03
C ARG B 28 16.60 15.48 4.46
N GLY B 29 16.14 14.43 3.77
CA GLY B 29 16.42 13.08 4.22
C GLY B 29 17.86 12.63 4.03
N ARG B 30 18.50 13.10 2.96
CA ARG B 30 19.83 12.62 2.61
C ARG B 30 20.84 12.90 3.73
N GLY B 31 21.85 12.03 3.81
CA GLY B 31 22.88 12.17 4.81
C GLY B 31 22.56 11.58 6.17
N SER B 32 21.49 10.80 6.28
CA SER B 32 21.08 10.24 7.56
C SER B 32 21.98 9.07 7.95
N THR B 33 22.27 8.97 9.24
CA THR B 33 23.17 7.96 9.78
C THR B 33 22.44 6.90 10.58
N ASP B 34 21.74 7.30 11.65
CA ASP B 34 21.05 6.33 12.49
C ASP B 34 19.86 5.74 11.73
N PRO B 35 19.65 4.42 11.82
CA PRO B 35 18.54 3.80 11.06
C PRO B 35 17.16 4.26 11.49
N GLU B 36 17.01 4.69 12.75
CA GLU B 36 15.71 5.21 13.19
C GLU B 36 15.35 6.50 12.46
N GLN B 37 16.32 7.41 12.33
CA GLN B 37 16.11 8.60 11.49
C GLN B 37 15.77 8.20 10.07
N GLN B 38 16.39 7.14 9.56
CA GLN B 38 16.10 6.70 8.20
C GLN B 38 14.65 6.22 8.08
N THR B 39 14.16 5.47 9.08
CA THR B 39 12.76 5.07 9.09
C THR B 39 11.84 6.30 9.10
N TYR B 40 12.14 7.24 9.99
CA TYR B 40 11.35 8.46 10.08
C TYR B 40 11.28 9.17 8.73
N TYR B 41 12.45 9.35 8.09
CA TYR B 41 12.51 10.06 6.82
C TYR B 41 11.77 9.31 5.73
N ILE B 42 11.97 7.99 5.65
CA ILE B 42 11.30 7.19 4.62
C ILE B 42 9.80 7.34 4.74
N ILE B 43 9.25 7.15 5.94
CA ILE B 43 7.79 7.22 6.10
C ILE B 43 7.29 8.63 5.83
N THR B 44 7.94 9.63 6.44
CA THR B 44 7.49 11.01 6.34
C THR B 44 7.59 11.55 4.91
N THR B 45 8.46 11.00 4.08
CA THR B 45 8.49 11.37 2.68
C THR B 45 7.56 10.54 1.82
N LEU B 46 7.31 9.28 2.21
CA LEU B 46 6.42 8.42 1.44
C LEU B 46 4.97 8.87 1.55
N ILE B 47 4.57 9.42 2.69
CA ILE B 47 3.18 9.85 2.88
C ILE B 47 2.79 10.93 1.86
N PRO B 48 3.49 12.07 1.78
CA PRO B 48 3.09 13.09 0.81
C PRO B 48 3.28 12.66 -0.63
N ALA B 49 4.19 11.71 -0.91
CA ALA B 49 4.34 11.22 -2.28
C ALA B 49 3.09 10.46 -2.73
N ILE B 50 2.57 9.59 -1.86
CA ILE B 50 1.31 8.91 -2.16
C ILE B 50 0.19 9.94 -2.33
N ALA B 51 0.17 10.94 -1.44
CA ALA B 51 -0.85 11.99 -1.58
C ALA B 51 -0.75 12.70 -2.93
N ALA B 52 0.47 13.02 -3.36
CA ALA B 52 0.67 13.68 -4.64
C ALA B 52 0.23 12.81 -5.79
N ALA B 53 0.54 11.51 -5.74
CA ALA B 53 0.08 10.60 -6.77
C ALA B 53 -1.44 10.57 -6.86
N ALA B 54 -2.11 10.47 -5.70
CA ALA B 54 -3.57 10.44 -5.70
C ALA B 54 -4.15 11.75 -6.24
N TYR B 55 -3.58 12.89 -5.84
CA TYR B 55 -4.09 14.18 -6.30
C TYR B 55 -3.87 14.37 -7.80
N LEU B 56 -2.71 13.95 -8.30
CA LEU B 56 -2.46 14.00 -9.74
C LEU B 56 -3.43 13.11 -10.49
N ALA B 57 -3.72 11.93 -9.96
CA ALA B 57 -4.72 11.04 -10.57
C ALA B 57 -6.08 11.72 -10.63
N MET B 58 -6.51 12.30 -9.50
CA MET B 58 -7.80 12.98 -9.46
C MET B 58 -7.86 14.14 -10.45
N ALA B 59 -6.76 14.89 -10.56
CA ALA B 59 -6.77 16.11 -11.37
C ALA B 59 -6.81 15.84 -12.86
N THR B 60 -6.40 14.65 -13.31
CA THR B 60 -6.22 14.38 -14.73
C THR B 60 -7.28 13.43 -15.30
N GLY B 61 -8.51 13.50 -14.78
CA GLY B 61 -9.58 12.68 -15.28
C GLY B 61 -9.66 11.29 -14.69
N LEU B 62 -8.65 10.87 -13.94
CA LEU B 62 -8.72 9.62 -13.19
C LEU B 62 -9.18 9.93 -11.76
N GLY B 63 -9.16 8.94 -10.88
CA GLY B 63 -9.52 9.23 -9.48
C GLY B 63 -11.00 9.13 -9.20
N VAL B 64 -11.84 9.41 -10.20
CA VAL B 64 -13.31 9.42 -9.98
C VAL B 64 -14.01 8.51 -10.99
N ILE B 65 -14.93 7.67 -10.51
CA ILE B 65 -15.73 6.77 -11.40
C ILE B 65 -17.23 7.07 -11.16
N SER B 66 -17.98 7.39 -12.21
CA SER B 66 -19.44 7.65 -12.09
C SER B 66 -20.20 6.32 -12.13
N ASP B 76 -20.79 7.33 -9.37
CA ASP B 76 -20.49 8.64 -8.74
C ASP B 76 -19.55 8.39 -7.56
N ILE B 77 -18.32 7.96 -7.80
CA ILE B 77 -17.46 7.57 -6.64
C ILE B 77 -15.99 8.04 -6.80
N TYR B 78 -15.38 8.45 -5.70
CA TYR B 78 -13.97 8.90 -5.71
C TYR B 78 -13.14 7.80 -5.06
N TRP B 79 -12.36 7.08 -5.84
CA TRP B 79 -11.59 5.94 -5.29
C TRP B 79 -10.17 6.36 -4.86
N ALA B 80 -9.68 7.48 -5.37
CA ALA B 80 -8.29 7.87 -5.13
C ALA B 80 -8.11 8.47 -3.75
N ARG B 81 -9.08 9.26 -3.29
CA ARG B 81 -8.99 9.87 -1.96
C ARG B 81 -8.96 8.80 -0.88
N TYR B 82 -9.85 7.81 -0.99
CA TYR B 82 -9.90 6.76 0.03
C TYR B 82 -8.69 5.84 -0.03
N ALA B 83 -8.16 5.58 -1.24
CA ALA B 83 -6.91 4.83 -1.33
C ALA B 83 -5.78 5.58 -0.64
N ASP B 84 -5.64 6.87 -0.88
CA ASP B 84 -4.58 7.71 -0.25
C ASP B 84 -4.71 7.62 1.26
N TRP B 85 -5.93 7.67 1.76
CA TRP B 85 -6.18 7.69 3.22
C TRP B 85 -5.82 6.35 3.83
N LEU B 86 -6.34 5.28 3.24
CA LEU B 86 -5.98 3.94 3.71
C LEU B 86 -4.48 3.74 3.75
N LEU B 87 -3.76 4.34 2.80
CA LEU B 87 -2.31 4.15 2.79
C LEU B 87 -1.61 5.05 3.82
N THR B 88 -1.97 6.33 3.85
CA THR B 88 -1.16 7.29 4.60
C THR B 88 -1.49 7.37 6.08
N THR B 89 -2.74 7.14 6.49
CA THR B 89 -3.04 7.25 7.92
C THR B 89 -2.30 6.23 8.78
N PRO B 90 -2.16 4.95 8.39
CA PRO B 90 -1.31 4.05 9.19
C PRO B 90 0.14 4.49 9.25
N LEU B 91 0.66 5.14 8.21
CA LEU B 91 2.04 5.61 8.25
C LEU B 91 2.22 6.71 9.29
N LEU B 92 1.26 7.65 9.36
CA LEU B 92 1.30 8.66 10.41
C LEU B 92 1.18 8.01 11.79
N ILE B 93 0.32 7.00 11.91
CA ILE B 93 0.20 6.26 13.18
C ILE B 93 1.54 5.63 13.55
N ILE B 94 2.22 5.05 12.56
CA ILE B 94 3.52 4.41 12.80
C ILE B 94 4.53 5.44 13.28
N ASP B 95 4.56 6.61 12.63
CA ASP B 95 5.45 7.68 13.08
C ASP B 95 5.17 8.06 14.53
N LEU B 96 3.89 8.24 14.87
CA LEU B 96 3.54 8.62 16.23
C LEU B 96 3.95 7.55 17.24
N ALA B 97 3.70 6.28 16.92
CA ALA B 97 4.07 5.20 17.82
C ALA B 97 5.59 5.11 17.98
N LEU B 98 6.32 5.29 16.88
CA LEU B 98 7.78 5.33 16.95
C LEU B 98 8.26 6.43 17.88
N VAL B 99 7.68 7.63 17.76
CA VAL B 99 8.04 8.73 18.66
C VAL B 99 7.73 8.36 20.10
N ALA B 100 6.59 7.70 20.33
CA ALA B 100 6.19 7.35 21.69
C ALA B 100 6.76 6.03 22.18
N GLY B 101 7.28 5.20 21.29
CA GLY B 101 7.77 3.90 21.71
C GLY B 101 6.68 2.97 22.18
N ALA B 102 5.53 2.99 21.48
CA ALA B 102 4.41 2.16 21.89
C ALA B 102 4.68 0.70 21.57
N ARG B 103 3.98 -0.18 22.29
CA ARG B 103 4.12 -1.61 22.07
C ARG B 103 3.51 -2.00 20.74
N LYS B 104 4.06 -3.05 20.14
CA LYS B 104 3.63 -3.47 18.78
C LYS B 104 2.14 -3.86 18.76
N GLN B 105 1.64 -4.42 19.85
CA GLN B 105 0.23 -4.88 19.90
C GLN B 105 -0.67 -3.65 19.85
N THR B 106 -0.31 -2.58 20.55
CA THR B 106 -1.07 -1.34 20.47
C THR B 106 -1.06 -0.77 19.05
N LEU B 107 0.08 -0.85 18.37
CA LEU B 107 0.17 -0.35 17.00
C LEU B 107 -0.73 -1.14 16.06
N TYR B 108 -0.72 -2.48 16.18
CA TYR B 108 -1.63 -3.29 15.36
C TYR B 108 -3.08 -2.90 15.63
N LYS B 109 -3.43 -2.71 16.91
CA LYS B 109 -4.76 -2.23 17.27
C LYS B 109 -5.10 -0.92 16.56
N LEU B 110 -4.19 0.06 16.65
CA LEU B 110 -4.45 1.37 16.05
C LEU B 110 -4.64 1.26 14.55
N ILE B 111 -3.82 0.47 13.88
CA ILE B 111 -3.93 0.35 12.43
C ILE B 111 -5.27 -0.27 12.05
N ILE B 112 -5.70 -1.31 12.80
CA ILE B 112 -6.99 -1.93 12.51
C ILE B 112 -8.12 -0.94 12.73
N ILE B 113 -8.08 -0.17 13.83
CA ILE B 113 -9.14 0.78 14.12
C ILE B 113 -9.23 1.86 13.05
N ASP B 114 -8.07 2.38 12.63
CA ASP B 114 -8.06 3.44 11.62
C ASP B 114 -8.54 2.90 10.27
N ALA B 115 -8.14 1.69 9.90
CA ALA B 115 -8.62 1.09 8.67
C ALA B 115 -10.13 0.92 8.70
N ILE B 116 -10.67 0.49 9.84
CA ILE B 116 -12.12 0.34 9.96
C ILE B 116 -12.82 1.69 9.82
N MET B 117 -12.24 2.74 10.41
CA MET B 117 -12.82 4.08 10.31
C MET B 117 -12.90 4.53 8.86
N ILE B 118 -11.78 4.45 8.14
CA ILE B 118 -11.76 4.90 6.75
C ILE B 118 -12.66 4.03 5.88
N LEU B 119 -12.69 2.72 6.15
CA LEU B 119 -13.55 1.83 5.38
C LEU B 119 -15.02 2.15 5.59
N GLY B 120 -15.39 2.52 6.82
CA GLY B 120 -16.75 2.97 7.06
C GLY B 120 -17.07 4.24 6.32
N GLY B 121 -16.10 5.16 6.27
CA GLY B 121 -16.28 6.36 5.45
C GLY B 121 -16.52 6.05 3.99
N LEU B 122 -15.73 5.12 3.44
CA LEU B 122 -15.90 4.73 2.04
C LEU B 122 -17.23 4.01 1.82
N ALA B 123 -17.66 3.21 2.79
CA ALA B 123 -18.97 2.58 2.70
C ALA B 123 -20.08 3.63 2.64
N GLY B 124 -20.02 4.63 3.52
CA GLY B 124 -21.00 5.69 3.49
C GLY B 124 -20.98 6.46 2.19
N SER B 125 -19.81 6.69 1.58
CA SER B 125 -19.67 7.42 0.29
C SER B 125 -20.37 6.68 -0.88
N MET B 126 -20.29 5.35 -0.88
CA MET B 126 -20.92 4.52 -1.93
C MET B 126 -22.32 4.14 -1.47
N MET B 127 -22.50 3.78 -0.18
CA MET B 127 -23.87 3.42 0.13
C MET B 127 -24.78 4.60 -0.19
N GLN B 128 -25.77 4.39 -1.04
CA GLN B 128 -26.66 5.47 -1.42
C GLN B 128 -28.12 5.03 -1.48
N GLN B 129 -28.50 4.04 -0.65
CA GLN B 129 -29.84 3.48 -0.72
C GLN B 129 -30.91 4.30 0.02
N GLY B 130 -30.55 5.13 0.99
CA GLY B 130 -31.55 5.86 1.77
C GLY B 130 -31.03 7.18 2.30
N ALA B 131 -31.29 7.51 3.57
CA ALA B 131 -30.70 8.68 4.26
C ALA B 131 -30.03 8.30 5.57
N VAL B 132 -30.65 7.41 6.35
CA VAL B 132 -30.13 7.01 7.65
C VAL B 132 -28.92 6.09 7.53
N ILE B 133 -28.69 5.49 6.36
CA ILE B 133 -27.67 4.45 6.25
C ILE B 133 -26.27 5.03 6.36
N ARG B 134 -26.06 6.16 5.68
CA ARG B 134 -24.76 6.87 5.74
C ARG B 134 -24.63 7.58 7.08
N ILE B 135 -25.76 7.96 7.67
CA ILE B 135 -25.65 8.58 8.98
C ILE B 135 -25.15 7.52 9.96
N VAL B 136 -25.59 6.28 9.76
CA VAL B 136 -25.13 5.18 10.60
C VAL B 136 -23.67 4.86 10.32
N TRP B 137 -23.29 4.81 9.03
CA TRP B 137 -21.88 4.60 8.68
C TRP B 137 -21.00 5.69 9.29
N TRP B 138 -21.46 6.95 9.22
CA TRP B 138 -20.71 8.06 9.80
C TRP B 138 -20.60 7.91 11.31
N ALA B 139 -21.69 7.46 11.96
CA ALA B 139 -21.64 7.28 13.40
C ALA B 139 -20.63 6.22 13.79
N VAL B 140 -20.60 5.09 13.07
CA VAL B 140 -19.68 4.01 13.42
C VAL B 140 -18.23 4.43 13.16
N SER B 141 -17.98 5.12 12.05
CA SER B 141 -16.62 5.59 11.79
C SER B 141 -16.20 6.65 12.80
N THR B 142 -17.12 7.50 13.24
CA THR B 142 -16.78 8.47 14.28
C THR B 142 -16.54 7.79 15.61
N ALA B 143 -17.22 6.67 15.88
CA ALA B 143 -16.92 5.90 17.09
C ALA B 143 -15.50 5.36 17.03
N ALA B 144 -15.10 4.80 15.89
CA ALA B 144 -13.72 4.35 15.73
C ALA B 144 -12.74 5.51 15.92
N PHE B 145 -13.08 6.68 15.39
CA PHE B 145 -12.23 7.86 15.57
C PHE B 145 -12.08 8.22 17.04
N ILE B 146 -13.19 8.20 17.78
CA ILE B 146 -13.14 8.51 19.22
C ILE B 146 -12.30 7.48 19.96
N ILE B 147 -12.37 6.22 19.54
CA ILE B 147 -11.53 5.19 20.15
C ILE B 147 -10.06 5.48 19.90
N LEU B 148 -9.73 5.90 18.68
CA LEU B 148 -8.34 6.28 18.37
C LEU B 148 -7.91 7.48 19.22
N LEU B 149 -8.81 8.44 19.41
CA LEU B 149 -8.55 9.59 20.27
C LEU B 149 -8.23 9.16 21.70
N TYR B 150 -9.08 8.28 22.26
CA TYR B 150 -8.85 7.75 23.60
C TYR B 150 -7.50 7.05 23.69
N TYR B 151 -7.14 6.29 22.65
CA TYR B 151 -5.87 5.58 22.67
C TYR B 151 -4.70 6.56 22.66
N LEU B 152 -4.74 7.56 21.79
CA LEU B 152 -3.61 8.48 21.67
C LEU B 152 -3.46 9.34 22.91
N LEU B 153 -4.57 9.69 23.58
CA LEU B 153 -4.48 10.55 24.75
C LEU B 153 -4.02 9.82 26.01
N GLY B 154 -4.15 8.50 26.06
CA GLY B 154 -3.95 7.72 27.26
C GLY B 154 -2.60 7.01 27.22
N GLU B 155 -2.58 5.79 26.70
CA GLU B 155 -1.42 4.91 26.85
C GLU B 155 -0.20 5.44 26.12
N LEU B 156 -0.38 5.97 24.92
CA LEU B 156 0.77 6.43 24.14
C LEU B 156 1.48 7.59 24.82
N SER B 157 0.71 8.49 25.44
CA SER B 157 1.32 9.62 26.15
C SER B 157 2.13 9.14 27.35
N GLU B 158 1.60 8.17 28.11
CA GLU B 158 2.35 7.64 29.24
C GLU B 158 3.61 6.93 28.78
N ARG B 159 3.54 6.21 27.65
CA ARG B 159 4.73 5.55 27.12
C ARG B 159 5.79 6.58 26.72
N ALA B 160 5.37 7.63 26.02
CA ALA B 160 6.32 8.67 25.62
C ALA B 160 6.92 9.36 26.83
N ARG B 161 6.11 9.59 27.87
CA ARG B 161 6.64 10.19 29.09
C ARG B 161 7.61 9.25 29.79
N SER B 162 7.35 7.94 29.75
CA SER B 162 8.27 6.98 30.34
C SER B 162 9.57 6.88 29.57
N ARG B 163 9.55 7.19 28.27
CA ARG B 163 10.79 7.35 27.53
C ARG B 163 11.62 8.47 28.15
N SER B 164 11.06 9.67 28.18
CA SER B 164 11.72 10.86 28.71
C SER B 164 10.67 11.95 28.79
N ALA B 165 11.06 13.09 29.38
CA ALA B 165 10.16 14.23 29.42
C ALA B 165 10.21 15.01 28.12
N GLU B 166 11.40 15.14 27.54
CA GLU B 166 11.52 15.74 26.21
C GLU B 166 10.73 14.95 25.17
N THR B 167 10.85 13.62 25.22
CA THR B 167 10.03 12.76 24.36
C THR B 167 8.55 13.04 24.60
N GLY B 168 8.16 13.25 25.87
CA GLY B 168 6.78 13.56 26.17
C GLY B 168 6.31 14.85 25.53
N ILE B 169 7.14 15.90 25.60
CA ILE B 169 6.75 17.18 25.02
C ILE B 169 6.64 17.10 23.50
N VAL B 170 7.62 16.45 22.86
CA VAL B 170 7.58 16.28 21.41
C VAL B 170 6.33 15.50 21.00
N PHE B 171 6.07 14.40 21.70
CA PHE B 171 4.91 13.58 21.38
C PHE B 171 3.61 14.35 21.61
N ASN B 172 3.58 15.20 22.64
CA ASN B 172 2.38 15.98 22.90
C ASN B 172 2.12 16.97 21.77
N ARG B 173 3.17 17.63 21.26
CA ARG B 173 2.97 18.54 20.14
C ARG B 173 2.47 17.79 18.91
N LEU B 174 3.12 16.67 18.58
CA LEU B 174 2.70 15.89 17.41
C LEU B 174 1.27 15.38 17.57
N ARG B 175 0.90 14.94 18.77
CA ARG B 175 -0.44 14.41 19.00
C ARG B 175 -1.49 15.50 18.93
N ASN B 176 -1.19 16.69 19.48
CA ASN B 176 -2.12 17.81 19.38
C ASN B 176 -2.36 18.18 17.92
N ILE B 177 -1.28 18.28 17.14
CA ILE B 177 -1.42 18.57 15.72
C ILE B 177 -2.31 17.53 15.04
N THR B 178 -1.96 16.25 15.23
CA THR B 178 -2.70 15.15 14.61
C THR B 178 -4.19 15.22 14.95
N LEU B 179 -4.49 15.24 16.24
CA LEU B 179 -5.86 15.19 16.72
C LEU B 179 -6.68 16.38 16.22
N GLY B 180 -6.13 17.58 16.38
CA GLY B 180 -6.83 18.78 15.93
C GLY B 180 -7.12 18.79 14.44
N LEU B 181 -6.17 18.31 13.63
CA LEU B 181 -6.44 18.31 12.19
C LEU B 181 -7.34 17.15 11.78
N TRP B 182 -7.26 16.01 12.46
CA TRP B 182 -8.06 14.86 12.07
C TRP B 182 -9.53 15.04 12.43
N ALA B 183 -9.83 15.79 13.50
CA ALA B 183 -11.23 15.91 13.92
C ALA B 183 -12.12 16.62 12.90
N LEU B 184 -11.57 17.26 11.87
CA LEU B 184 -12.37 18.06 10.95
C LEU B 184 -12.83 17.31 9.71
N TYR B 185 -12.15 16.23 9.34
CA TYR B 185 -12.50 15.46 8.12
C TYR B 185 -13.96 14.93 8.20
N PRO B 186 -14.49 14.38 9.33
CA PRO B 186 -15.87 13.88 9.31
C PRO B 186 -16.91 14.98 9.18
N ILE B 187 -16.63 16.20 9.63
CA ILE B 187 -17.58 17.29 9.46
C ILE B 187 -17.71 17.64 7.98
N VAL B 188 -16.57 17.77 7.30
CA VAL B 188 -16.58 17.97 5.85
C VAL B 188 -17.34 16.85 5.17
N TRP B 189 -17.14 15.61 5.62
CA TRP B 189 -17.80 14.47 5.01
C TRP B 189 -19.31 14.56 5.17
N ILE B 190 -19.78 14.81 6.40
CA ILE B 190 -21.21 14.79 6.68
C ILE B 190 -21.90 16.00 6.06
N LEU B 191 -21.19 17.11 5.85
CA LEU B 191 -21.79 18.28 5.21
C LEU B 191 -21.67 18.27 3.68
N GLY B 192 -20.73 17.52 3.13
CA GLY B 192 -20.47 17.54 1.70
C GLY B 192 -21.55 16.85 0.88
N THR B 193 -21.32 16.79 -0.43
CA THR B 193 -22.25 16.07 -1.30
C THR B 193 -21.98 14.58 -1.24
N GLY B 194 -20.72 14.18 -1.40
CA GLY B 194 -20.33 12.80 -1.26
C GLY B 194 -20.26 12.43 0.20
N GLY B 195 -21.01 11.40 0.60
CA GLY B 195 -21.14 11.01 1.99
C GLY B 195 -21.64 12.11 2.92
N GLY B 196 -22.44 13.03 2.41
CA GLY B 196 -22.94 14.12 3.20
C GLY B 196 -24.34 14.54 2.79
N PHE B 197 -24.76 15.74 3.21
CA PHE B 197 -26.12 16.21 2.95
C PHE B 197 -26.16 17.36 1.94
N GLY B 198 -25.02 17.67 1.30
CA GLY B 198 -25.01 18.71 0.28
C GLY B 198 -25.11 20.13 0.80
N ILE B 199 -24.84 20.35 2.09
CA ILE B 199 -24.81 21.71 2.61
C ILE B 199 -23.67 22.49 1.96
N ILE B 200 -22.54 21.82 1.74
CA ILE B 200 -21.42 22.42 1.01
C ILE B 200 -21.26 21.69 -0.32
N ALA B 201 -20.76 22.41 -1.31
CA ALA B 201 -20.62 21.89 -2.67
C ALA B 201 -19.38 21.02 -2.79
N VAL B 202 -19.17 20.47 -3.99
CA VAL B 202 -18.04 19.57 -4.22
C VAL B 202 -16.73 20.34 -4.18
N THR B 203 -16.72 21.55 -4.73
CA THR B 203 -15.48 22.32 -4.82
C THR B 203 -15.02 22.79 -3.45
N THR B 204 -15.97 23.22 -2.61
CA THR B 204 -15.62 23.61 -1.24
C THR B 204 -15.11 22.40 -0.45
N GLU B 205 -15.76 21.25 -0.61
CA GLU B 205 -15.29 20.02 0.02
C GLU B 205 -13.86 19.71 -0.38
N ILE B 206 -13.57 19.79 -1.68
CA ILE B 206 -12.22 19.47 -2.16
C ILE B 206 -11.21 20.49 -1.66
N MET B 207 -11.60 21.77 -1.61
CA MET B 207 -10.70 22.78 -1.05
C MET B 207 -10.37 22.49 0.41
N LEU B 208 -11.39 22.17 1.20
CA LEU B 208 -11.16 21.90 2.62
C LEU B 208 -10.31 20.66 2.80
N TYR B 209 -10.50 19.64 1.97
CA TYR B 209 -9.63 18.47 2.02
C TYR B 209 -8.20 18.81 1.63
N VAL B 210 -8.03 19.71 0.66
CA VAL B 210 -6.68 20.13 0.27
C VAL B 210 -5.98 20.81 1.43
N MET B 211 -6.68 21.72 2.11
CA MET B 211 -6.09 22.41 3.26
C MET B 211 -5.77 21.42 4.38
N LEU B 212 -6.70 20.55 4.71
CA LEU B 212 -6.48 19.52 5.77
C LEU B 212 -5.28 18.63 5.44
N ASP B 213 -5.14 18.23 4.17
CA ASP B 213 -4.05 17.32 3.71
C ASP B 213 -2.72 18.05 3.81
N ILE B 214 -2.69 19.33 3.46
CA ILE B 214 -1.45 20.14 3.62
C ILE B 214 -0.98 20.07 5.10
N GLY B 215 -1.89 20.31 6.04
CA GLY B 215 -1.54 20.34 7.47
C GLY B 215 -1.17 18.99 8.02
N THR B 216 -2.05 18.00 7.87
CA THR B 216 -1.82 16.66 8.44
C THR B 216 -0.59 16.00 7.86
N LYS B 217 -0.21 16.33 6.62
CA LYS B 217 0.94 15.68 5.94
C LYS B 217 2.23 16.53 6.00
N ILE B 218 2.21 17.80 5.59
CA ILE B 218 3.43 18.58 5.51
C ILE B 218 3.78 19.19 6.86
N GLY B 219 2.79 19.79 7.54
CA GLY B 219 3.09 20.41 8.81
C GLY B 219 3.50 19.40 9.87
N PHE B 220 2.74 18.29 9.96
CA PHE B 220 3.09 17.24 10.90
C PHE B 220 4.47 16.66 10.61
N GLY B 221 4.76 16.39 9.34
CA GLY B 221 6.07 15.83 9.00
C GLY B 221 7.20 16.79 9.29
N ALA B 222 7.00 18.08 9.02
CA ALA B 222 8.01 19.08 9.35
C ALA B 222 8.27 19.09 10.84
N VAL B 223 7.21 19.23 11.65
CA VAL B 223 7.35 19.26 13.10
C VAL B 223 8.05 18.01 13.60
N LEU B 224 7.73 16.86 13.01
CA LEU B 224 8.35 15.60 13.43
C LEU B 224 9.85 15.62 13.14
N LEU B 225 10.22 16.03 11.93
CA LEU B 225 11.62 15.98 11.53
C LEU B 225 12.47 17.07 12.19
N GLU B 226 11.83 18.15 12.69
CA GLU B 226 12.58 19.16 13.42
C GLU B 226 13.07 18.69 14.79
N SER B 227 12.31 17.83 15.48
CA SER B 227 12.60 17.51 16.87
C SER B 227 13.42 16.24 17.03
N GLN B 228 14.11 15.81 15.97
CA GLN B 228 14.82 14.53 16.01
C GLN B 228 16.07 14.59 16.88
N ASP B 229 16.67 15.77 17.02
CA ASP B 229 17.92 15.86 17.77
C ASP B 229 17.71 15.56 19.26
N VAL B 230 16.73 16.21 19.89
CA VAL B 230 16.45 15.92 21.29
C VAL B 230 15.80 14.56 21.43
N LEU B 231 15.07 14.11 20.40
CA LEU B 231 14.48 12.78 20.45
C LEU B 231 15.57 11.71 20.44
N GLN B 232 16.70 11.99 19.80
CA GLN B 232 17.83 11.09 19.89
C GLN B 232 18.52 11.25 21.24
N ALA B 233 18.66 12.49 21.71
CA ALA B 233 19.36 12.76 22.96
C ALA B 233 18.60 12.31 24.19
N ALA B 234 17.36 11.87 24.04
CA ALA B 234 16.59 11.34 25.14
C ALA B 234 16.73 9.83 25.21
N SER B 235 16.51 9.28 26.41
CA SER B 235 16.68 7.86 26.69
C SER B 235 18.09 7.37 26.33
N HIS B 236 19.09 8.25 26.49
CA HIS B 236 20.47 7.93 26.16
C HIS B 236 21.20 7.37 27.36
N PRO B 237 22.37 6.74 27.15
CA PRO B 237 23.28 6.40 28.24
C PRO B 237 23.55 7.60 29.13
#